data_7DV6
#
_entry.id   7DV6
#
_cell.length_a   61.973
_cell.length_b   76.008
_cell.length_c   77.980
_cell.angle_alpha   90.00
_cell.angle_beta   90.00
_cell.angle_gamma   90.00
#
_symmetry.space_group_name_H-M   'P 21 21 21'
#
loop_
_entity.id
_entity.type
_entity.pdbx_description
1 polymer 'TGF-beta receptor type-2'
2 non-polymer 5-[(3S)-5,5-dimethyloxolan-3-yl]-6-methoxy-3-(2-methoxypyridin-4-yl)pyrazolo[1,5-a]pyrimidine
3 water water
#
_entity_poly.entity_id   1
_entity_poly.type   'polypeptide(L)'
_entity_poly.pdbx_seq_one_letter_code
;MAHNTELLPIELDTLVGKGRFAEVYKAKLKQNTSEQFETVAVKIFPYEEYASWKTEKDIFSDINLKHENILQFLTAEERK
TELGKQYWLITAFHAKGNLQEYLTRHVISWEDLRKLGSSLARGIAHLHSDHTPCGRPKMPIVHRDLKSSNILVKNDLTCC
LCDFGLSLRLDPTLSVDDLANSGQVGTARYMAPEVLASAMNLENVESFKQTDVYSMALVLWEMTSRCNAVGEVKDYEPPF
GSKVREHPCVASMADNVLADAGRPEIPSFWLNHQGIQMVCETLTECWDHDPEARLTAQCVAERFSELEHLDRLSGLEHHH
HHH
;
_entity_poly.pdbx_strand_id   A
#
loop_
_chem_comp.id
_chem_comp.type
_chem_comp.name
_chem_comp.formula
HJF non-polymer 5-[(3S)-5,5-dimethyloxolan-3-yl]-6-methoxy-3-(2-methoxypyridin-4-yl)pyrazolo[1,5-a]pyrimidine 'C19 H22 N4 O3'
#
# COMPACT_ATOMS: atom_id res chain seq x y z
N GLU A 6 28.96 3.73 11.41
CA GLU A 6 29.34 4.84 10.49
C GLU A 6 28.24 5.05 9.44
N LEU A 7 27.92 6.33 9.22
CA LEU A 7 26.97 6.83 8.24
C LEU A 7 27.40 6.56 6.80
N LEU A 8 26.45 6.11 5.95
CA LEU A 8 26.71 5.86 4.55
C LEU A 8 27.01 7.15 3.81
N PRO A 9 27.89 7.05 2.76
CA PRO A 9 28.24 8.21 1.91
C PRO A 9 27.14 8.58 0.91
N ILE A 10 26.22 9.44 1.36
N ILE A 10 26.24 9.46 1.37
CA ILE A 10 24.99 9.68 0.64
CA ILE A 10 24.96 9.74 0.76
C ILE A 10 24.89 11.17 0.35
C ILE A 10 24.95 11.21 0.34
N GLU A 11 24.43 11.48 -0.86
CA GLU A 11 24.14 12.85 -1.24
C GLU A 11 22.68 12.87 -1.67
N LEU A 12 21.89 13.72 -1.02
CA LEU A 12 20.48 13.86 -1.38
C LEU A 12 20.41 14.57 -2.73
N ASP A 13 19.61 14.05 -3.69
CA ASP A 13 19.49 14.69 -5.00
C ASP A 13 18.15 15.42 -5.11
N THR A 14 17.04 14.68 -5.04
CA THR A 14 15.74 15.29 -5.32
C THR A 14 14.69 14.89 -4.30
N LEU A 15 13.84 15.84 -3.93
CA LEU A 15 12.69 15.55 -3.08
C LEU A 15 11.63 14.92 -4.01
N VAL A 16 11.29 13.66 -3.77
CA VAL A 16 10.29 12.93 -4.54
C VAL A 16 9.00 12.70 -3.76
N GLY A 17 9.02 12.87 -2.41
CA GLY A 17 7.81 12.62 -1.65
C GLY A 17 7.75 13.44 -0.38
N LYS A 18 6.58 14.02 -0.10
CA LYS A 18 6.36 14.75 1.14
C LYS A 18 5.10 14.20 1.72
N GLY A 19 5.18 13.70 2.95
CA GLY A 19 4.10 13.06 3.67
C GLY A 19 3.92 13.74 5.02
N ARG A 20 2.91 13.27 5.76
CA ARG A 20 2.62 13.76 7.10
C ARG A 20 3.87 13.53 7.98
N PHE A 21 4.46 12.33 7.92
CA PHE A 21 5.61 11.92 8.71
C PHE A 21 7.02 12.31 8.25
N ALA A 22 7.26 12.19 6.95
CA ALA A 22 8.63 12.32 6.47
C ALA A 22 8.69 12.82 5.04
N GLU A 23 9.91 13.02 4.57
CA GLU A 23 10.22 13.39 3.21
C GLU A 23 11.01 12.24 2.54
N VAL A 24 10.71 11.91 1.28
CA VAL A 24 11.42 10.88 0.52
C VAL A 24 12.31 11.55 -0.53
N TYR A 25 13.59 11.17 -0.58
CA TYR A 25 14.56 11.73 -1.50
C TYR A 25 15.24 10.67 -2.37
N LYS A 26 15.33 10.97 -3.66
CA LYS A 26 16.19 10.18 -4.50
C LYS A 26 17.60 10.59 -4.07
N ALA A 27 18.49 9.66 -3.86
CA ALA A 27 19.81 10.03 -3.38
C ALA A 27 20.86 9.23 -4.12
N LYS A 28 22.09 9.73 -4.03
CA LYS A 28 23.20 8.99 -4.62
C LYS A 28 24.03 8.42 -3.46
N LEU A 29 24.25 7.09 -3.50
CA LEU A 29 25.12 6.48 -2.51
C LEU A 29 26.48 6.30 -3.20
N LYS A 30 27.43 7.20 -2.88
CA LYS A 30 28.79 7.24 -3.42
C LYS A 30 29.66 6.48 -2.44
N GLN A 31 29.54 5.15 -2.38
CA GLN A 31 30.34 4.33 -1.49
C GLN A 31 31.82 4.47 -1.86
N ASN A 32 32.05 4.51 -3.17
CA ASN A 32 33.37 4.59 -3.79
C ASN A 32 33.47 5.82 -4.70
N THR A 33 34.53 6.62 -4.53
CA THR A 33 34.79 7.81 -5.32
C THR A 33 35.04 7.49 -6.81
N SER A 34 35.81 6.42 -7.09
CA SER A 34 36.22 6.02 -8.44
C SER A 34 35.13 5.43 -9.35
N GLU A 35 34.21 4.62 -8.81
CA GLU A 35 33.12 3.97 -9.55
C GLU A 35 31.84 4.81 -9.64
N GLN A 36 30.93 4.42 -10.56
CA GLN A 36 29.67 5.13 -10.73
C GLN A 36 28.83 5.03 -9.45
N PHE A 37 28.15 6.14 -9.05
CA PHE A 37 27.31 6.20 -7.85
C PHE A 37 26.07 5.33 -8.05
N GLU A 38 25.46 4.91 -6.93
CA GLU A 38 24.26 4.08 -6.93
C GLU A 38 23.03 4.87 -6.46
N THR A 39 21.88 4.72 -7.17
CA THR A 39 20.66 5.41 -6.81
C THR A 39 19.96 4.66 -5.66
N VAL A 40 19.65 5.40 -4.57
CA VAL A 40 18.93 4.83 -3.43
C VAL A 40 17.85 5.83 -3.01
N ALA A 41 16.90 5.41 -2.18
CA ALA A 41 15.85 6.26 -1.62
C ALA A 41 16.13 6.55 -0.14
N VAL A 42 15.99 7.81 0.30
CA VAL A 42 16.17 8.11 1.72
C VAL A 42 14.87 8.73 2.25
N LYS A 43 14.22 8.10 3.24
CA LYS A 43 13.05 8.63 3.88
C LYS A 43 13.54 9.28 5.17
N ILE A 44 13.34 10.58 5.31
CA ILE A 44 13.81 11.39 6.41
C ILE A 44 12.69 11.83 7.35
N PHE A 45 12.79 11.45 8.62
CA PHE A 45 11.83 11.81 9.67
C PHE A 45 12.48 12.81 10.64
N PRO A 46 11.82 13.93 11.00
CA PRO A 46 12.37 14.81 12.04
C PRO A 46 12.23 14.07 13.37
N TYR A 47 12.98 14.52 14.41
CA TYR A 47 12.91 13.96 15.76
C TYR A 47 11.43 13.86 16.21
N GLU A 48 10.56 14.83 15.83
CA GLU A 48 9.15 14.86 16.28
C GLU A 48 8.44 13.60 15.81
N GLU A 49 8.85 13.05 14.63
CA GLU A 49 8.19 11.88 14.06
C GLU A 49 8.96 10.58 14.33
N TYR A 50 9.74 10.50 15.41
CA TYR A 50 10.55 9.36 15.78
C TYR A 50 9.70 8.07 15.80
N ALA A 51 8.46 8.14 16.31
CA ALA A 51 7.57 6.99 16.43
C ALA A 51 7.26 6.30 15.08
N SER A 52 6.94 7.11 14.06
CA SER A 52 6.68 6.63 12.71
C SER A 52 7.98 6.01 12.19
N TRP A 53 9.12 6.68 12.41
CA TRP A 53 10.36 6.09 11.92
C TRP A 53 10.56 4.72 12.56
N LYS A 54 10.36 4.63 13.90
CA LYS A 54 10.56 3.37 14.61
C LYS A 54 9.62 2.27 14.09
N THR A 55 8.33 2.59 13.90
CA THR A 55 7.38 1.59 13.40
C THR A 55 7.83 1.03 12.04
N GLU A 56 8.23 1.90 11.10
CA GLU A 56 8.67 1.42 9.77
C GLU A 56 9.93 0.58 9.86
N LYS A 57 10.86 1.08 10.70
CA LYS A 57 12.15 0.44 10.89
C LYS A 57 11.94 -1.00 11.40
N ASP A 58 11.06 -1.18 12.39
CA ASP A 58 10.78 -2.48 12.95
C ASP A 58 10.31 -3.40 11.82
N ILE A 59 9.47 -2.89 10.87
CA ILE A 59 9.01 -3.72 9.76
C ILE A 59 10.11 -4.03 8.74
N PHE A 60 10.82 -2.99 8.32
CA PHE A 60 11.84 -3.18 7.32
C PHE A 60 12.98 -4.07 7.78
N SER A 61 13.23 -4.12 9.10
N SER A 61 13.20 -4.14 9.11
CA SER A 61 14.39 -4.89 9.57
CA SER A 61 14.36 -4.84 9.62
C SER A 61 13.95 -6.29 9.95
C SER A 61 13.95 -6.27 9.99
N ASP A 62 12.68 -6.62 9.75
CA ASP A 62 12.18 -7.94 10.15
C ASP A 62 12.52 -8.95 9.06
N ILE A 63 13.27 -10.01 9.39
CA ILE A 63 13.82 -10.92 8.39
C ILE A 63 12.67 -11.66 7.69
N ASN A 64 11.57 -11.90 8.42
CA ASN A 64 10.38 -12.59 7.93
C ASN A 64 9.61 -11.72 6.93
N LEU A 65 9.83 -10.41 6.97
CA LEU A 65 9.12 -9.51 6.09
C LEU A 65 9.82 -9.32 4.74
N LYS A 66 11.00 -9.93 4.48
CA LYS A 66 11.63 -9.79 3.18
C LYS A 66 10.78 -10.49 2.11
N HIS A 67 10.43 -9.79 1.03
CA HIS A 67 9.60 -10.34 -0.02
C HIS A 67 9.85 -9.49 -1.27
N GLU A 68 9.60 -10.05 -2.45
CA GLU A 68 9.77 -9.38 -3.73
C GLU A 68 8.86 -8.15 -3.78
N ASN A 69 7.65 -8.26 -3.19
CA ASN A 69 6.62 -7.22 -3.25
C ASN A 69 6.64 -6.26 -2.07
N ILE A 70 7.70 -6.36 -1.27
CA ILE A 70 7.90 -5.43 -0.17
C ILE A 70 9.19 -4.63 -0.41
N LEU A 71 9.11 -3.28 -0.26
CA LEU A 71 10.29 -2.47 -0.55
C LEU A 71 11.53 -3.00 0.19
N GLN A 72 12.61 -3.18 -0.55
CA GLN A 72 13.89 -3.64 -0.03
C GLN A 72 14.56 -2.59 0.87
N PHE A 73 15.05 -3.02 2.02
CA PHE A 73 15.62 -2.10 3.00
C PHE A 73 17.12 -2.24 3.16
N LEU A 74 17.90 -1.14 3.10
CA LEU A 74 19.33 -1.25 3.29
C LEU A 74 19.67 -1.01 4.78
N THR A 75 19.37 0.17 5.34
CA THR A 75 19.71 0.44 6.74
C THR A 75 18.94 1.65 7.32
N ALA A 76 18.94 1.80 8.64
CA ALA A 76 18.34 2.93 9.37
C ALA A 76 19.49 3.68 10.05
N GLU A 77 19.49 5.03 10.02
CA GLU A 77 20.52 5.88 10.62
C GLU A 77 19.87 7.00 11.45
N GLU A 78 20.62 7.54 12.40
CA GLU A 78 20.26 8.74 13.18
C GLU A 78 21.32 9.74 12.79
N ARG A 79 20.92 10.92 12.25
CA ARG A 79 21.91 11.90 11.82
C ARG A 79 21.67 13.19 12.59
N LYS A 80 22.68 13.67 13.32
CA LYS A 80 22.60 14.93 14.05
C LYS A 80 22.60 16.06 13.03
N THR A 81 21.79 17.09 13.27
CA THR A 81 21.75 18.25 12.39
C THR A 81 21.87 19.47 13.29
N GLU A 82 22.11 20.64 12.70
CA GLU A 82 22.22 21.83 13.53
C GLU A 82 20.92 22.07 14.32
N LEU A 83 19.75 21.90 13.68
CA LEU A 83 18.43 22.14 14.24
C LEU A 83 18.01 21.08 15.27
N GLY A 84 18.50 19.85 15.11
CA GLY A 84 18.16 18.78 16.05
C GLY A 84 18.75 17.45 15.57
N LYS A 85 17.91 16.49 15.23
CA LYS A 85 18.36 15.21 14.70
C LYS A 85 17.31 14.70 13.72
N GLN A 86 17.79 13.95 12.71
CA GLN A 86 16.90 13.36 11.71
C GLN A 86 17.06 11.86 11.79
N TYR A 87 15.97 11.13 11.50
CA TYR A 87 15.91 9.67 11.48
C TYR A 87 15.65 9.23 10.04
N TRP A 88 16.62 8.47 9.53
CA TRP A 88 16.66 8.06 8.13
C TRP A 88 16.36 6.58 7.90
N LEU A 89 15.59 6.27 6.82
CA LEU A 89 15.41 4.93 6.29
C LEU A 89 16.00 4.95 4.87
N ILE A 90 16.99 4.11 4.59
CA ILE A 90 17.66 4.02 3.29
C ILE A 90 17.20 2.73 2.62
N THR A 91 16.59 2.86 1.43
CA THR A 91 16.02 1.71 0.74
C THR A 91 16.38 1.75 -0.76
N ALA A 92 15.95 0.71 -1.48
CA ALA A 92 16.08 0.64 -2.94
C ALA A 92 15.17 1.75 -3.49
N PHE A 93 15.57 2.36 -4.62
CA PHE A 93 14.77 3.40 -5.24
C PHE A 93 14.03 2.85 -6.45
N HIS A 94 12.69 3.05 -6.56
CA HIS A 94 12.00 2.61 -7.78
C HIS A 94 11.70 3.85 -8.62
N ALA A 95 12.41 3.99 -9.74
CA ALA A 95 12.37 5.15 -10.62
C ALA A 95 10.96 5.43 -11.14
N LYS A 96 10.17 4.38 -11.42
CA LYS A 96 8.81 4.55 -11.96
C LYS A 96 7.93 5.32 -10.98
N GLY A 97 8.19 5.22 -9.69
CA GLY A 97 7.35 6.03 -8.79
C GLY A 97 6.11 5.28 -8.34
N ASN A 98 5.19 6.04 -7.76
CA ASN A 98 3.97 5.50 -7.20
C ASN A 98 2.95 5.08 -8.25
N LEU A 99 2.08 4.16 -7.85
CA LEU A 99 1.07 3.60 -8.74
C LEU A 99 0.08 4.68 -9.21
N GLN A 100 -0.30 5.55 -8.29
CA GLN A 100 -1.28 6.57 -8.69
C GLN A 100 -0.73 7.42 -9.87
N GLU A 101 0.49 7.90 -9.74
CA GLU A 101 1.11 8.72 -10.78
C GLU A 101 1.30 7.88 -12.03
N TYR A 102 1.59 6.59 -11.85
CA TYR A 102 1.86 5.73 -13.01
C TYR A 102 0.58 5.56 -13.86
N LEU A 103 -0.55 5.30 -13.18
CA LEU A 103 -1.86 5.14 -13.80
C LEU A 103 -2.31 6.44 -14.46
N THR A 104 -1.97 7.58 -13.84
CA THR A 104 -2.36 8.88 -14.38
C THR A 104 -1.69 9.05 -15.74
N ARG A 105 -0.41 8.68 -15.81
CA ARG A 105 0.32 8.91 -17.04
C ARG A 105 0.23 7.80 -18.05
N HIS A 106 -0.23 6.59 -17.72
CA HIS A 106 -0.15 5.51 -18.69
C HIS A 106 -1.41 4.67 -18.74
N VAL A 107 -1.68 4.16 -19.93
CA VAL A 107 -2.75 3.18 -20.16
C VAL A 107 -2.00 1.84 -20.20
N ILE A 108 -2.29 0.94 -19.25
CA ILE A 108 -1.62 -0.35 -19.09
C ILE A 108 -2.23 -1.43 -19.98
N SER A 109 -1.43 -2.45 -20.27
CA SER A 109 -1.92 -3.61 -21.02
C SER A 109 -2.57 -4.59 -20.02
N TRP A 110 -3.22 -5.63 -20.53
CA TRP A 110 -3.82 -6.69 -19.75
C TRP A 110 -2.69 -7.42 -18.99
N GLU A 111 -1.56 -7.65 -19.70
CA GLU A 111 -0.43 -8.30 -19.04
C GLU A 111 0.04 -7.43 -17.88
N ASP A 112 0.11 -6.10 -18.06
CA ASP A 112 0.52 -5.21 -16.96
C ASP A 112 -0.44 -5.35 -15.76
N LEU A 113 -1.75 -5.31 -16.05
CA LEU A 113 -2.75 -5.38 -14.99
C LEU A 113 -2.57 -6.70 -14.19
N ARG A 114 -2.35 -7.81 -14.92
CA ARG A 114 -2.17 -9.13 -14.31
C ARG A 114 -0.95 -9.08 -13.41
N LYS A 115 0.15 -8.53 -13.88
CA LYS A 115 1.34 -8.48 -13.04
C LYS A 115 1.14 -7.55 -11.84
N LEU A 116 0.60 -6.36 -12.09
CA LEU A 116 0.44 -5.38 -11.02
C LEU A 116 -0.53 -5.89 -9.94
N GLY A 117 -1.67 -6.41 -10.35
CA GLY A 117 -2.69 -6.87 -9.41
C GLY A 117 -2.28 -8.13 -8.66
N SER A 118 -1.64 -9.07 -9.38
CA SER A 118 -1.27 -10.30 -8.70
C SER A 118 -0.12 -10.03 -7.71
N SER A 119 0.81 -9.13 -8.03
CA SER A 119 1.91 -8.83 -7.12
C SER A 119 1.43 -7.99 -5.94
N LEU A 120 0.44 -7.13 -6.14
CA LEU A 120 -0.07 -6.39 -4.99
C LEU A 120 -0.70 -7.35 -3.97
N ALA A 121 -1.53 -8.28 -4.46
CA ALA A 121 -2.19 -9.25 -3.61
C ALA A 121 -1.14 -10.13 -2.92
N ARG A 122 -0.10 -10.55 -3.65
CA ARG A 122 0.96 -11.36 -3.02
C ARG A 122 1.67 -10.61 -1.89
N GLY A 123 2.00 -9.31 -2.05
CA GLY A 123 2.64 -8.53 -0.99
C GLY A 123 1.74 -8.42 0.26
N ILE A 124 0.43 -8.13 0.06
CA ILE A 124 -0.51 -8.00 1.17
C ILE A 124 -0.72 -9.35 1.88
N ALA A 125 -0.83 -10.39 1.07
CA ALA A 125 -0.99 -11.74 1.60
C ALA A 125 0.22 -12.07 2.49
N HIS A 126 1.44 -11.69 2.04
CA HIS A 126 2.66 -11.93 2.81
C HIS A 126 2.63 -11.17 4.14
N LEU A 127 2.17 -9.90 4.12
CA LEU A 127 2.09 -9.16 5.37
C LEU A 127 1.12 -9.88 6.31
N HIS A 128 -0.05 -10.30 5.79
CA HIS A 128 -1.15 -10.90 6.56
C HIS A 128 -0.83 -12.28 7.12
N SER A 129 0.04 -12.99 6.41
CA SER A 129 0.37 -14.37 6.74
C SER A 129 0.83 -14.57 8.18
N ASP A 130 0.33 -15.66 8.82
CA ASP A 130 0.73 -16.04 10.17
C ASP A 130 1.90 -17.01 10.06
N HIS A 131 2.37 -17.30 8.83
CA HIS A 131 3.52 -18.18 8.73
C HIS A 131 4.48 -17.72 7.61
N THR A 132 5.77 -18.06 7.73
CA THR A 132 6.74 -17.80 6.68
C THR A 132 6.56 -18.90 5.62
N PRO A 133 7.10 -18.75 4.39
CA PRO A 133 6.97 -19.75 3.31
C PRO A 133 7.43 -21.13 3.80
N CYS A 134 8.52 -21.17 4.57
CA CYS A 134 9.07 -22.39 5.15
C CYS A 134 8.05 -23.01 6.13
N GLY A 135 7.21 -22.24 6.82
CA GLY A 135 6.24 -22.90 7.68
C GLY A 135 6.23 -22.44 9.14
N ARG A 136 7.23 -21.63 9.52
CA ARG A 136 7.42 -21.05 10.85
C ARG A 136 6.35 -20.00 11.17
N PRO A 137 5.79 -19.96 12.38
CA PRO A 137 4.78 -18.93 12.71
C PRO A 137 5.41 -17.54 12.64
N LYS A 138 4.66 -16.55 12.17
CA LYS A 138 5.15 -15.18 12.21
C LYS A 138 3.97 -14.29 12.57
N MET A 139 4.27 -13.14 13.21
CA MET A 139 3.21 -12.26 13.64
C MET A 139 2.73 -11.41 12.45
N PRO A 140 1.44 -11.52 12.07
CA PRO A 140 0.88 -10.78 10.93
C PRO A 140 0.97 -9.28 11.10
N ILE A 141 1.17 -8.62 9.94
CA ILE A 141 1.18 -7.18 9.88
C ILE A 141 0.00 -6.74 9.01
N VAL A 142 -0.73 -5.73 9.51
CA VAL A 142 -1.78 -5.10 8.70
C VAL A 142 -1.28 -3.71 8.31
N HIS A 143 -1.25 -3.38 7.01
CA HIS A 143 -0.75 -2.09 6.51
C HIS A 143 -1.54 -0.89 7.06
N ARG A 144 -2.87 -0.91 6.94
CA ARG A 144 -3.77 0.13 7.47
C ARG A 144 -3.77 1.42 6.66
N ASP A 145 -2.92 1.54 5.62
CA ASP A 145 -3.02 2.77 4.84
C ASP A 145 -2.72 2.47 3.37
N LEU A 146 -3.23 1.35 2.85
CA LEU A 146 -2.99 0.98 1.45
C LEU A 146 -3.73 1.90 0.49
N LYS A 147 -3.05 2.44 -0.52
CA LYS A 147 -3.63 3.33 -1.52
C LYS A 147 -2.63 3.38 -2.67
N SER A 148 -3.10 3.82 -3.83
CA SER A 148 -2.29 3.85 -5.04
C SER A 148 -1.08 4.78 -4.89
N SER A 149 -1.25 5.86 -4.10
CA SER A 149 -0.22 6.87 -3.93
C SER A 149 1.03 6.32 -3.22
N ASN A 150 0.91 5.31 -2.36
CA ASN A 150 2.04 4.73 -1.64
C ASN A 150 2.49 3.33 -2.13
N ILE A 151 1.99 2.82 -3.26
CA ILE A 151 2.45 1.55 -3.82
C ILE A 151 3.44 1.87 -4.94
N LEU A 152 4.68 1.39 -4.85
CA LEU A 152 5.69 1.70 -5.85
C LEU A 152 5.61 0.73 -7.02
N VAL A 153 6.03 1.20 -8.22
CA VAL A 153 6.04 0.32 -9.36
C VAL A 153 7.51 0.03 -9.67
N LYS A 154 7.92 -1.23 -9.66
CA LYS A 154 9.29 -1.63 -9.93
C LYS A 154 9.47 -1.60 -11.44
N ASN A 155 10.73 -1.75 -11.86
CA ASN A 155 11.02 -1.71 -13.28
C ASN A 155 10.31 -2.83 -14.02
N ASP A 156 10.05 -4.00 -13.40
CA ASP A 156 9.44 -5.14 -14.12
C ASP A 156 7.90 -5.05 -14.08
N LEU A 157 7.37 -3.88 -13.70
CA LEU A 157 5.96 -3.66 -13.64
C LEU A 157 5.25 -4.57 -12.64
N THR A 158 5.86 -4.75 -11.47
CA THR A 158 5.19 -5.42 -10.36
C THR A 158 5.18 -4.40 -9.21
N CYS A 159 4.18 -4.48 -8.35
CA CYS A 159 3.98 -3.60 -7.21
C CYS A 159 4.97 -3.91 -6.08
N CYS A 160 5.26 -2.88 -5.32
CA CYS A 160 6.09 -2.98 -4.15
C CYS A 160 5.51 -2.15 -2.99
N LEU A 161 5.26 -2.73 -1.81
CA LEU A 161 4.66 -2.03 -0.67
C LEU A 161 5.69 -1.28 0.18
N CYS A 162 5.25 -0.12 0.67
CA CYS A 162 6.08 0.69 1.53
C CYS A 162 5.15 1.57 2.38
N ASP A 163 5.70 2.61 3.02
CA ASP A 163 4.88 3.51 3.82
C ASP A 163 4.10 2.81 4.96
N PHE A 164 4.85 2.19 5.86
CA PHE A 164 4.34 1.40 6.97
C PHE A 164 4.17 2.15 8.28
N GLY A 165 4.17 3.48 8.24
CA GLY A 165 4.06 4.31 9.46
C GLY A 165 2.81 4.01 10.28
N LEU A 166 1.67 3.72 9.61
CA LEU A 166 0.44 3.46 10.35
C LEU A 166 0.22 1.94 10.56
N SER A 167 1.18 1.11 10.19
CA SER A 167 1.02 -0.33 10.26
C SER A 167 0.86 -0.86 11.69
N LEU A 168 0.13 -1.98 11.83
CA LEU A 168 -0.10 -2.61 13.11
C LEU A 168 0.35 -4.06 13.06
N ARG A 169 1.19 -4.39 14.03
CA ARG A 169 1.59 -5.78 14.22
C ARG A 169 0.39 -6.42 14.94
N LEU A 170 -0.06 -7.60 14.50
CA LEU A 170 -1.20 -8.16 15.21
C LEU A 170 -0.69 -8.86 16.48
N ASP A 171 -0.26 -8.09 17.49
CA ASP A 171 0.25 -8.71 18.69
C ASP A 171 -0.94 -9.12 19.56
N PRO A 172 -0.94 -10.35 20.13
CA PRO A 172 -1.98 -10.85 21.04
C PRO A 172 -2.12 -10.00 22.28
N THR A 173 -1.02 -9.39 22.68
CA THR A 173 -0.98 -8.57 23.88
C THR A 173 -1.68 -7.21 23.67
N LEU A 174 -2.07 -6.83 22.43
CA LEU A 174 -2.73 -5.55 22.14
C LEU A 174 -4.02 -5.33 22.94
N SER A 175 -4.22 -4.12 23.48
CA SER A 175 -5.44 -3.88 24.26
C SER A 175 -6.50 -3.14 23.43
N VAL A 176 -7.77 -3.22 23.85
CA VAL A 176 -8.84 -2.50 23.17
C VAL A 176 -8.53 -1.00 23.24
N ASP A 177 -8.12 -0.56 24.44
CA ASP A 177 -7.80 0.81 24.77
C ASP A 177 -6.68 1.29 23.84
N ASP A 178 -5.68 0.42 23.64
CA ASP A 178 -4.58 0.77 22.76
C ASP A 178 -5.12 0.98 21.35
N LEU A 179 -5.96 0.06 20.86
CA LEU A 179 -6.54 0.12 19.52
C LEU A 179 -7.58 1.21 19.22
N ALA A 180 -8.56 1.38 20.12
CA ALA A 180 -9.63 2.36 19.98
C ALA A 180 -9.05 3.76 19.94
N ASN A 181 -8.04 4.00 20.80
CA ASN A 181 -7.36 5.28 20.90
C ASN A 181 -6.82 5.67 19.52
N SER A 182 -6.25 4.71 18.78
CA SER A 182 -5.79 5.01 17.44
C SER A 182 -6.99 5.43 16.59
N GLY A 183 -8.15 4.74 16.80
CA GLY A 183 -9.41 4.95 16.11
C GLY A 183 -9.35 4.77 14.58
N GLN A 184 -9.85 5.75 13.83
CA GLN A 184 -9.82 5.68 12.38
C GLN A 184 -8.47 6.31 12.04
N VAL A 185 -7.60 5.45 11.54
CA VAL A 185 -6.24 5.80 11.17
C VAL A 185 -6.23 5.51 9.69
N GLY A 186 -5.54 6.36 8.92
CA GLY A 186 -5.37 6.14 7.49
C GLY A 186 -6.08 7.18 6.63
N THR A 187 -6.06 6.95 5.29
CA THR A 187 -6.66 7.90 4.39
C THR A 187 -8.17 7.62 4.35
N ALA A 188 -9.02 8.64 4.54
CA ALA A 188 -10.47 8.47 4.56
C ALA A 188 -11.00 7.91 3.23
N ARG A 189 -10.46 8.33 2.09
CA ARG A 189 -10.94 7.85 0.81
C ARG A 189 -10.89 6.32 0.72
N TYR A 190 -9.89 5.68 1.31
CA TYR A 190 -9.75 4.23 1.18
C TYR A 190 -10.30 3.44 2.37
N MET A 191 -10.90 4.12 3.36
CA MET A 191 -11.40 3.42 4.55
C MET A 191 -12.59 2.48 4.25
N ALA A 192 -12.61 1.27 4.84
CA ALA A 192 -13.69 0.32 4.67
C ALA A 192 -14.92 0.86 5.39
N PRO A 193 -16.13 0.46 4.94
CA PRO A 193 -17.38 0.95 5.54
C PRO A 193 -17.45 0.70 7.04
N GLU A 194 -16.99 -0.49 7.52
CA GLU A 194 -17.05 -0.82 8.95
C GLU A 194 -16.21 0.20 9.76
N VAL A 195 -15.06 0.66 9.20
CA VAL A 195 -14.20 1.67 9.83
C VAL A 195 -14.91 3.02 9.82
N LEU A 196 -15.54 3.37 8.69
CA LEU A 196 -16.30 4.64 8.56
C LEU A 196 -17.43 4.57 9.55
N ALA A 197 -18.02 3.38 9.77
CA ALA A 197 -19.15 3.25 10.68
C ALA A 197 -18.78 3.19 12.15
N SER A 198 -17.48 3.01 12.46
CA SER A 198 -17.03 2.78 13.83
C SER A 198 -17.74 1.54 14.36
N ALA A 199 -17.78 0.51 13.51
CA ALA A 199 -18.50 -0.72 13.83
C ALA A 199 -17.60 -1.95 14.06
N MET A 200 -16.30 -1.75 14.20
CA MET A 200 -15.44 -2.91 14.40
C MET A 200 -15.47 -3.49 15.82
N ASN A 201 -15.11 -4.78 15.92
CA ASN A 201 -14.92 -5.40 17.24
C ASN A 201 -13.44 -5.22 17.56
N LEU A 202 -13.14 -4.35 18.54
CA LEU A 202 -11.81 -3.97 18.99
C LEU A 202 -11.02 -5.19 19.47
N GLU A 203 -11.67 -6.12 20.18
CA GLU A 203 -10.99 -7.32 20.66
C GLU A 203 -10.50 -8.12 19.46
N ASN A 204 -11.21 -8.07 18.33
CA ASN A 204 -10.81 -8.87 17.18
C ASN A 204 -9.85 -8.14 16.26
N VAL A 205 -8.56 -8.34 16.53
CA VAL A 205 -7.49 -7.71 15.79
C VAL A 205 -7.44 -8.21 14.33
N GLU A 206 -7.72 -9.51 14.12
CA GLU A 206 -7.63 -10.13 12.80
C GLU A 206 -8.54 -9.52 11.73
N SER A 207 -9.63 -8.85 12.15
CA SER A 207 -10.62 -8.19 11.28
C SER A 207 -9.92 -7.00 10.57
N PHE A 208 -8.77 -6.52 11.08
CA PHE A 208 -8.06 -5.48 10.36
C PHE A 208 -7.57 -6.03 9.01
N LYS A 209 -7.40 -7.34 8.86
CA LYS A 209 -6.98 -7.86 7.56
C LYS A 209 -8.04 -7.52 6.51
N GLN A 210 -9.32 -7.63 6.90
CA GLN A 210 -10.47 -7.37 6.04
C GLN A 210 -10.48 -5.90 5.57
N THR A 211 -10.11 -4.96 6.45
CA THR A 211 -10.06 -3.55 6.07
C THR A 211 -8.97 -3.34 5.02
N ASP A 212 -7.82 -4.00 5.20
CA ASP A 212 -6.77 -3.87 4.18
C ASP A 212 -7.31 -4.43 2.85
N VAL A 213 -8.04 -5.54 2.89
CA VAL A 213 -8.54 -6.12 1.63
C VAL A 213 -9.48 -5.14 0.91
N TYR A 214 -10.35 -4.47 1.69
CA TYR A 214 -11.25 -3.52 1.07
C TYR A 214 -10.46 -2.40 0.35
N SER A 215 -9.41 -1.82 0.98
CA SER A 215 -8.60 -0.78 0.34
C SER A 215 -7.92 -1.35 -0.90
N MET A 216 -7.45 -2.59 -0.82
CA MET A 216 -6.80 -3.20 -1.95
C MET A 216 -7.77 -3.27 -3.13
N ALA A 217 -9.07 -3.56 -2.86
CA ALA A 217 -10.09 -3.66 -3.91
C ALA A 217 -10.20 -2.35 -4.70
N LEU A 218 -10.16 -1.21 -3.99
CA LEU A 218 -10.20 0.12 -4.61
C LEU A 218 -8.96 0.27 -5.51
N VAL A 219 -7.76 -0.16 -5.06
CA VAL A 219 -6.55 -0.04 -5.89
C VAL A 219 -6.68 -0.89 -7.14
N LEU A 220 -7.21 -2.11 -6.99
CA LEU A 220 -7.40 -3.01 -8.12
C LEU A 220 -8.34 -2.36 -9.12
N TRP A 221 -9.37 -1.70 -8.59
CA TRP A 221 -10.28 -1.00 -9.50
C TRP A 221 -9.52 0.12 -10.25
N GLU A 222 -8.64 0.88 -9.58
CA GLU A 222 -7.88 1.92 -10.26
C GLU A 222 -7.03 1.34 -11.39
N MET A 223 -6.38 0.19 -11.13
CA MET A 223 -5.57 -0.42 -12.17
C MET A 223 -6.46 -0.81 -13.35
N THR A 224 -7.61 -1.43 -13.05
CA THR A 224 -8.54 -1.92 -14.03
C THR A 224 -9.05 -0.75 -14.88
N SER A 225 -9.29 0.40 -14.23
CA SER A 225 -9.84 1.57 -14.94
C SER A 225 -8.91 2.04 -16.05
N ARG A 226 -7.62 1.82 -15.86
CA ARG A 226 -6.65 2.30 -16.83
C ARG A 226 -6.13 1.21 -17.77
N CYS A 227 -6.79 0.03 -17.80
CA CYS A 227 -6.36 -1.07 -18.67
C CYS A 227 -7.02 -0.99 -20.04
N ASN A 228 -6.24 -1.08 -21.13
CA ASN A 228 -6.78 -0.95 -22.49
C ASN A 228 -7.60 -2.17 -22.89
N ALA A 229 -7.52 -3.28 -22.13
CA ALA A 229 -8.28 -4.48 -22.44
C ALA A 229 -9.76 -4.13 -22.34
N VAL A 230 -10.15 -3.29 -21.40
CA VAL A 230 -11.56 -2.98 -21.21
C VAL A 230 -12.17 -2.33 -22.46
N GLY A 231 -11.40 -1.52 -23.20
CA GLY A 231 -11.98 -0.86 -24.35
C GLY A 231 -11.49 0.59 -24.29
N GLU A 232 -12.44 1.51 -24.46
CA GLU A 232 -12.13 2.92 -24.32
C GLU A 232 -11.71 3.15 -22.86
N VAL A 233 -10.62 3.87 -22.66
CA VAL A 233 -10.13 4.12 -21.32
C VAL A 233 -10.30 5.60 -20.98
N LYS A 234 -10.91 5.94 -19.85
CA LYS A 234 -11.03 7.34 -19.47
C LYS A 234 -9.74 7.81 -18.75
N ASP A 235 -9.64 9.12 -18.57
CA ASP A 235 -8.58 9.75 -17.82
C ASP A 235 -8.67 9.21 -16.40
N TYR A 236 -7.51 8.97 -15.81
CA TYR A 236 -7.43 8.46 -14.45
C TYR A 236 -8.15 9.38 -13.46
N GLU A 237 -8.99 8.79 -12.61
CA GLU A 237 -9.63 9.43 -11.47
C GLU A 237 -9.48 8.50 -10.27
N PRO A 238 -9.15 9.08 -9.10
CA PRO A 238 -9.03 8.36 -7.84
C PRO A 238 -10.41 7.80 -7.44
N PRO A 239 -10.51 6.73 -6.62
CA PRO A 239 -11.82 6.20 -6.21
C PRO A 239 -12.57 7.39 -5.62
N PHE A 240 -13.86 7.55 -5.99
CA PHE A 240 -14.80 8.55 -5.50
C PHE A 240 -14.46 9.97 -5.92
N GLY A 241 -13.58 10.11 -6.94
CA GLY A 241 -13.10 11.37 -7.48
C GLY A 241 -14.23 12.34 -7.81
N SER A 242 -15.25 11.82 -8.49
CA SER A 242 -16.44 12.57 -8.89
C SER A 242 -17.29 13.01 -7.68
N LYS A 243 -17.39 12.16 -6.67
CA LYS A 243 -18.22 12.45 -5.50
C LYS A 243 -17.65 13.36 -4.40
N VAL A 244 -16.34 13.28 -4.08
CA VAL A 244 -15.87 14.01 -2.90
C VAL A 244 -14.74 14.94 -3.29
N ARG A 245 -14.38 15.83 -2.36
CA ARG A 245 -13.35 16.85 -2.56
C ARG A 245 -11.98 16.19 -2.48
N GLU A 246 -10.94 16.93 -2.87
CA GLU A 246 -9.58 16.40 -2.89
C GLU A 246 -9.15 15.84 -1.53
N HIS A 247 -9.44 16.53 -0.44
CA HIS A 247 -9.03 15.96 0.84
C HIS A 247 -10.30 15.70 1.66
N PRO A 248 -11.00 14.56 1.35
CA PRO A 248 -12.31 14.29 1.97
C PRO A 248 -12.23 13.95 3.46
N CYS A 249 -13.21 14.40 4.22
CA CYS A 249 -13.30 13.95 5.59
C CYS A 249 -14.02 12.60 5.70
N VAL A 250 -13.95 12.01 6.90
CA VAL A 250 -14.57 10.76 7.23
C VAL A 250 -16.10 10.87 7.12
N ALA A 251 -16.72 11.99 7.57
CA ALA A 251 -18.18 12.10 7.48
C ALA A 251 -18.59 12.00 6.01
N SER A 252 -17.89 12.75 5.16
CA SER A 252 -18.25 12.70 3.76
C SER A 252 -18.01 11.30 3.15
N MET A 253 -16.92 10.63 3.46
CA MET A 253 -16.68 9.28 2.95
C MET A 253 -17.76 8.33 3.49
N ALA A 254 -18.20 8.49 4.76
CA ALA A 254 -19.24 7.65 5.38
C ALA A 254 -20.54 7.79 4.57
N ASP A 255 -20.85 9.03 4.19
CA ASP A 255 -22.05 9.30 3.44
C ASP A 255 -22.07 8.48 2.14
N ASN A 256 -20.93 8.45 1.43
CA ASN A 256 -20.91 7.77 0.15
C ASN A 256 -20.78 6.25 0.30
N VAL A 257 -19.74 5.79 1.01
CA VAL A 257 -19.37 4.38 1.15
C VAL A 257 -20.38 3.59 1.97
N LEU A 258 -20.82 4.19 3.08
CA LEU A 258 -21.67 3.47 4.00
C LEU A 258 -23.13 3.82 3.73
N ALA A 259 -23.55 5.10 3.82
CA ALA A 259 -24.96 5.47 3.65
C ALA A 259 -25.52 5.10 2.27
N ASP A 260 -24.81 5.42 1.17
CA ASP A 260 -25.28 5.15 -0.19
C ASP A 260 -24.71 3.82 -0.72
N ALA A 261 -23.91 3.12 0.05
CA ALA A 261 -23.25 1.90 -0.43
C ALA A 261 -22.52 2.21 -1.76
N GLY A 262 -21.88 3.37 -1.86
CA GLY A 262 -21.25 3.78 -3.10
C GLY A 262 -19.92 3.08 -3.32
N ARG A 263 -19.70 2.71 -4.57
CA ARG A 263 -18.42 2.13 -4.95
C ARG A 263 -18.03 2.74 -6.30
N PRO A 264 -16.75 2.76 -6.70
CA PRO A 264 -16.36 3.24 -8.03
C PRO A 264 -17.11 2.42 -9.09
N GLU A 265 -17.64 3.11 -10.09
CA GLU A 265 -18.41 2.48 -11.17
C GLU A 265 -17.61 1.52 -12.07
N ILE A 266 -18.26 0.41 -12.42
CA ILE A 266 -17.71 -0.56 -13.33
C ILE A 266 -18.67 -0.66 -14.51
N PRO A 267 -18.39 -0.01 -15.66
CA PRO A 267 -19.30 -0.10 -16.81
C PRO A 267 -19.42 -1.56 -17.25
N SER A 268 -20.60 -1.92 -17.73
CA SER A 268 -20.84 -3.27 -18.21
C SER A 268 -19.95 -3.60 -19.40
N PHE A 269 -19.56 -2.63 -20.22
CA PHE A 269 -18.74 -3.02 -21.35
C PHE A 269 -17.36 -3.57 -20.91
N TRP A 270 -16.91 -3.19 -19.70
CA TRP A 270 -15.63 -3.67 -19.22
C TRP A 270 -15.70 -5.19 -19.16
N LEU A 271 -16.88 -5.75 -18.84
CA LEU A 271 -17.00 -7.19 -18.64
C LEU A 271 -16.84 -8.00 -19.93
N ASN A 272 -16.81 -7.33 -21.07
CA ASN A 272 -16.69 -8.06 -22.31
C ASN A 272 -15.44 -8.91 -22.32
N HIS A 273 -14.32 -8.36 -21.85
CA HIS A 273 -13.08 -9.13 -21.76
C HIS A 273 -13.20 -10.13 -20.60
N GLN A 274 -12.83 -11.41 -20.84
CA GLN A 274 -12.91 -12.48 -19.85
C GLN A 274 -12.00 -12.21 -18.66
N GLY A 275 -10.77 -11.79 -18.92
CA GLY A 275 -9.85 -11.49 -17.84
C GLY A 275 -10.34 -10.33 -16.94
N ILE A 276 -10.81 -9.23 -17.57
CA ILE A 276 -11.32 -8.04 -16.89
C ILE A 276 -12.53 -8.43 -16.03
N GLN A 277 -13.38 -9.30 -16.58
CA GLN A 277 -14.55 -9.76 -15.86
C GLN A 277 -14.13 -10.46 -14.57
N MET A 278 -13.12 -11.34 -14.66
CA MET A 278 -12.65 -12.07 -13.49
C MET A 278 -12.12 -11.11 -12.40
N VAL A 279 -11.33 -10.11 -12.84
CA VAL A 279 -10.75 -9.13 -11.95
C VAL A 279 -11.87 -8.31 -11.30
N CYS A 280 -12.85 -7.88 -12.11
CA CYS A 280 -13.96 -7.09 -11.60
C CYS A 280 -14.78 -7.87 -10.57
N GLU A 281 -15.06 -9.13 -10.85
CA GLU A 281 -15.83 -9.95 -9.91
C GLU A 281 -15.03 -10.10 -8.61
N THR A 282 -13.74 -10.33 -8.76
CA THR A 282 -12.91 -10.54 -7.59
C THR A 282 -12.86 -9.30 -6.69
N LEU A 283 -12.60 -8.14 -7.31
CA LEU A 283 -12.46 -6.90 -6.57
C LEU A 283 -13.79 -6.51 -5.93
N THR A 284 -14.91 -6.84 -6.60
CA THR A 284 -16.27 -6.57 -6.13
C THR A 284 -16.55 -7.34 -4.83
N GLU A 285 -16.08 -8.61 -4.78
CA GLU A 285 -16.22 -9.40 -3.57
C GLU A 285 -15.39 -8.75 -2.44
N CYS A 286 -14.21 -8.27 -2.82
CA CYS A 286 -13.27 -7.65 -1.87
C CYS A 286 -13.79 -6.33 -1.28
N TRP A 287 -14.67 -5.58 -1.99
CA TRP A 287 -15.13 -4.32 -1.40
C TRP A 287 -16.56 -4.40 -0.81
N ASP A 288 -16.99 -5.63 -0.57
CA ASP A 288 -18.34 -5.90 -0.05
C ASP A 288 -18.55 -5.17 1.28
N HIS A 289 -19.77 -4.69 1.49
CA HIS A 289 -20.11 -4.03 2.74
C HIS A 289 -19.77 -4.95 3.92
N ASP A 290 -20.05 -6.25 3.77
CA ASP A 290 -19.79 -7.23 4.83
C ASP A 290 -18.32 -7.69 4.77
N PRO A 291 -17.49 -7.44 5.82
CA PRO A 291 -16.08 -7.88 5.77
C PRO A 291 -15.99 -9.38 5.56
N GLU A 292 -16.94 -10.14 6.14
CA GLU A 292 -16.93 -11.60 6.05
C GLU A 292 -17.06 -12.07 4.59
N ALA A 293 -17.79 -11.32 3.76
CA ALA A 293 -18.00 -11.65 2.35
C ALA A 293 -16.72 -11.50 1.51
N ARG A 294 -15.77 -10.66 1.98
CA ARG A 294 -14.50 -10.36 1.27
C ARG A 294 -13.56 -11.57 1.16
N LEU A 295 -12.86 -11.66 0.03
CA LEU A 295 -11.88 -12.73 -0.14
C LEU A 295 -10.65 -12.33 0.66
N THR A 296 -9.77 -13.30 0.97
CA THR A 296 -8.52 -12.98 1.63
C THR A 296 -7.56 -12.51 0.52
N ALA A 297 -6.47 -11.82 0.92
CA ALA A 297 -5.48 -11.39 -0.04
C ALA A 297 -4.88 -12.63 -0.75
N GLN A 298 -4.65 -13.73 -0.01
CA GLN A 298 -4.11 -14.98 -0.54
C GLN A 298 -5.06 -15.58 -1.59
N CYS A 299 -6.38 -15.53 -1.34
N CYS A 299 -6.36 -15.53 -1.31
CA CYS A 299 -7.37 -15.96 -2.32
CA CYS A 299 -7.35 -15.98 -2.27
C CYS A 299 -7.19 -15.18 -3.61
C CYS A 299 -7.23 -15.19 -3.58
N VAL A 300 -7.18 -13.85 -3.48
CA VAL A 300 -7.00 -12.94 -4.61
C VAL A 300 -5.71 -13.29 -5.37
N ALA A 301 -4.62 -13.54 -4.66
CA ALA A 301 -3.35 -13.87 -5.32
C ALA A 301 -3.56 -15.16 -6.10
N GLU A 302 -4.27 -16.11 -5.51
CA GLU A 302 -4.52 -17.36 -6.20
C GLU A 302 -5.36 -17.15 -7.46
N ARG A 303 -6.40 -16.31 -7.41
CA ARG A 303 -7.23 -16.07 -8.60
C ARG A 303 -6.40 -15.45 -9.73
N PHE A 304 -5.48 -14.56 -9.37
CA PHE A 304 -4.64 -13.90 -10.36
C PHE A 304 -3.77 -14.95 -11.06
N SER A 305 -3.40 -16.03 -10.36
CA SER A 305 -2.60 -17.11 -10.93
C SER A 305 -3.38 -17.80 -12.04
N GLU A 306 -4.71 -17.90 -11.89
CA GLU A 306 -5.62 -18.56 -12.83
C GLU A 306 -5.78 -17.75 -14.11
N LEU A 307 -5.39 -16.47 -14.10
CA LEU A 307 -5.56 -15.52 -15.20
C LEU A 307 -4.61 -15.79 -16.38
N GLU A 308 -3.63 -16.70 -16.24
CA GLU A 308 -2.70 -16.98 -17.33
C GLU A 308 -3.51 -17.41 -18.56
N HIS A 309 -4.50 -18.29 -18.32
CA HIS A 309 -5.42 -18.83 -19.32
C HIS A 309 -5.87 -17.71 -20.28
C1 HJF B . 9.72 7.45 -5.75
C2 HJF B . 9.06 7.79 -4.50
C4 HJF B . 10.23 6.03 -3.48
C6 HJF B . 10.61 6.36 -5.76
N3 HJF B . 9.36 7.05 -3.39
C7 HJF B . 10.70 5.20 -2.48
C8 HJF B . 11.55 4.31 -3.16
C11 HJF B . 10.23 8.23 -8.07
C12 HJF B . 8.05 8.93 -4.43
C13 HJF B . 6.92 8.55 -5.39
C15 HJF B . 5.88 8.76 -3.36
C26 HJF B . 6.51 6.61 0.70
O25 HJF B . 7.50 5.88 1.33
C21 HJF B . 8.70 5.48 0.79
C20 HJF B . 9.06 5.57 -0.59
N22 HJF B . 9.58 4.94 1.63
C23 HJF B . 10.83 4.53 1.25
C24 HJF B . 11.24 4.61 -0.09
C19 HJF B . 10.34 5.12 -1.04
N9 HJF B . 11.63 4.66 -4.44
N5 HJF B . 10.84 5.69 -4.63
O10 HJF B . 9.51 8.11 -6.91
C16 HJF B . 7.35 9.13 -3.10
C18 HJF B . 4.95 9.87 -2.83
C17 HJF B . 5.47 7.47 -2.64
O14 HJF B . 5.71 8.53 -4.75
#